data_5C5E
#
_entry.id   5C5E
#
_cell.length_a   97.430
_cell.length_b   97.430
_cell.length_c   124.520
_cell.angle_alpha   90.00
_cell.angle_beta   90.00
_cell.angle_gamma   90.00
#
_symmetry.space_group_name_H-M   'P 43 21 2'
#
loop_
_entity.id
_entity.type
_entity.pdbx_description
1 polymer 'Circadian clock protein KaiA'
2 polymer 'KaiC C-terminal peptide'
3 non-polymer '2-(6-hydroxy-3-oxo-3H-xanthen-9-yl)-5-[(sulfanylcarbonyl)amino]benzoic acid'
4 water water
#
loop_
_entity_poly.entity_id
_entity_poly.type
_entity_poly.pdbx_seq_one_letter_code
_entity_poly.pdbx_strand_id
1 'polypeptide(L)'
;MLSQIAICIWVESTAILQDCQRALSADRYQLQVCESGEMLLEYAQTHRDQIDCLILVAANPSFRAVVQQLCFEGVVVPAI
VVGDRDSEDPDEPAKEQLYHSAELHLGIHQLEQLPYQVDAALAEFLRLAPVETMADHIMLMGANHDPELSSQQRDLAQRL
QERLGYLGVYYKRDPDRFLRNLPAYESQKLHQAMQTSYREIVLSYFSPNSNLNQSIDNFVNMAFFADVPVTKVVEIHMEL
MDEFAKKLRVEGRSEDILLDYRLTLIDVIAHLCEMYRRSIPRETHHHHHH
;
A,B
2 'polypeptide(L)' DEKSELSRIVRGVQEKGPES G,H
#
loop_
_chem_comp.id
_chem_comp.type
_chem_comp.name
_chem_comp.formula
52M non-polymer '2-(6-hydroxy-3-oxo-3H-xanthen-9-yl)-5-[(sulfanylcarbonyl)amino]benzoic acid' 'C21 H13 N O6 S'
#
# COMPACT_ATOMS: atom_id res chain seq x y z
N MET A 1 -17.67 -19.64 0.89
CA MET A 1 -16.73 -18.90 0.06
C MET A 1 -15.28 -19.15 0.52
N LEU A 2 -15.09 -19.26 1.83
CA LEU A 2 -13.77 -19.48 2.40
C LEU A 2 -13.43 -20.95 2.51
N SER A 3 -12.30 -21.34 1.92
CA SER A 3 -11.83 -22.72 1.98
C SER A 3 -11.32 -23.05 3.38
N GLN A 4 -11.28 -24.33 3.71
CA GLN A 4 -10.78 -24.77 5.00
C GLN A 4 -9.28 -25.02 4.95
N ILE A 5 -8.57 -24.38 5.87
CA ILE A 5 -7.13 -24.59 5.99
C ILE A 5 -6.86 -25.71 6.98
N ALA A 6 -6.08 -26.69 6.55
CA ALA A 6 -5.72 -27.82 7.41
C ALA A 6 -4.40 -27.56 8.12
N ILE A 7 -4.48 -27.43 9.45
CA ILE A 7 -3.30 -27.09 10.26
C ILE A 7 -2.68 -28.31 10.93
N CYS A 8 -1.38 -28.50 10.74
CA CYS A 8 -0.65 -29.56 11.43
C CYS A 8 0.31 -28.96 12.45
N ILE A 9 -0.01 -29.13 13.73
CA ILE A 9 0.77 -28.52 14.80
C ILE A 9 1.69 -29.53 15.50
N TRP A 10 2.97 -29.19 15.56
CA TRP A 10 3.94 -29.98 16.33
C TRP A 10 4.30 -29.24 17.61
N VAL A 11 3.83 -29.76 18.73
CA VAL A 11 4.05 -29.10 20.02
C VAL A 11 4.27 -30.11 21.14
N GLU A 12 5.19 -29.80 22.04
CA GLU A 12 5.45 -30.65 23.20
C GLU A 12 4.81 -30.05 24.45
N SER A 13 4.78 -28.72 24.51
CA SER A 13 4.27 -28.01 25.69
C SER A 13 2.75 -28.05 25.76
N THR A 14 2.23 -28.05 26.99
CA THR A 14 0.80 -28.06 27.22
C THR A 14 0.21 -26.66 27.03
N ALA A 15 0.99 -25.65 27.40
CA ALA A 15 0.54 -24.27 27.35
C ALA A 15 0.51 -23.71 25.93
N ILE A 16 1.43 -24.18 25.09
CA ILE A 16 1.52 -23.69 23.72
C ILE A 16 0.36 -24.21 22.86
N LEU A 17 0.07 -25.51 22.97
CA LEU A 17 -1.06 -26.09 22.25
C LEU A 17 -2.38 -25.48 22.69
N GLN A 18 -2.49 -25.25 24.00
CA GLN A 18 -3.72 -24.73 24.60
C GLN A 18 -4.07 -23.35 24.04
N ASP A 19 -3.05 -22.60 23.63
CA ASP A 19 -3.26 -21.31 23.01
C ASP A 19 -3.62 -21.44 21.54
N CYS A 20 -2.98 -22.40 20.88
CA CYS A 20 -3.23 -22.64 19.46
C CYS A 20 -4.67 -23.14 19.23
N GLN A 21 -5.12 -24.06 20.07
CA GLN A 21 -6.49 -24.56 19.99
C GLN A 21 -7.48 -23.44 20.28
N ARG A 22 -7.09 -22.53 21.16
CA ARG A 22 -7.94 -21.41 21.56
C ARG A 22 -8.05 -20.37 20.46
N ALA A 23 -6.92 -20.02 19.85
CA ALA A 23 -6.88 -19.04 18.78
C ALA A 23 -7.63 -19.54 17.55
N LEU A 24 -7.36 -20.78 17.15
CA LEU A 24 -8.02 -21.36 15.99
C LEU A 24 -9.30 -22.09 16.39
N SER A 25 -10.03 -21.51 17.34
CA SER A 25 -11.26 -22.11 17.83
C SER A 25 -12.36 -22.12 16.76
N ALA A 26 -12.17 -21.36 15.70
CA ALA A 26 -13.10 -21.36 14.58
C ALA A 26 -13.08 -22.70 13.86
N ASP A 27 -14.24 -23.14 13.37
CA ASP A 27 -14.37 -24.44 12.73
C ASP A 27 -13.75 -24.46 11.33
N ARG A 28 -13.18 -23.33 10.93
CA ARG A 28 -12.55 -23.21 9.62
C ARG A 28 -11.21 -23.95 9.59
N TYR A 29 -10.58 -24.07 10.75
CA TYR A 29 -9.24 -24.66 10.84
C TYR A 29 -9.27 -26.11 11.30
N GLN A 30 -8.80 -27.01 10.44
CA GLN A 30 -8.63 -28.42 10.81
C GLN A 30 -7.34 -28.61 11.58
N LEU A 31 -7.45 -28.79 12.90
CA LEU A 31 -6.27 -28.95 13.74
C LEU A 31 -5.87 -30.41 13.92
N GLN A 32 -4.62 -30.72 13.59
CA GLN A 32 -4.06 -32.04 13.79
C GLN A 32 -2.83 -31.94 14.67
N VAL A 33 -2.93 -32.45 15.90
CA VAL A 33 -1.85 -32.30 16.88
C VAL A 33 -0.91 -33.51 16.91
N CYS A 34 0.38 -33.23 16.99
CA CYS A 34 1.40 -34.27 17.14
C CYS A 34 2.30 -33.94 18.33
N GLU A 35 2.17 -34.70 19.42
CA GLU A 35 2.87 -34.37 20.66
C GLU A 35 4.25 -35.01 20.76
N SER A 36 4.84 -35.34 19.61
CA SER A 36 6.21 -35.84 19.55
C SER A 36 6.77 -35.71 18.14
N GLY A 37 8.09 -35.71 18.02
CA GLY A 37 8.73 -35.58 16.74
C GLY A 37 8.46 -36.75 15.81
N GLU A 38 8.42 -37.95 16.37
CA GLU A 38 8.20 -39.16 15.59
C GLU A 38 6.76 -39.25 15.09
N MET A 39 5.83 -38.69 15.85
CA MET A 39 4.43 -38.63 15.42
C MET A 39 4.28 -37.72 14.20
N LEU A 40 5.05 -36.63 14.17
CA LEU A 40 4.99 -35.69 13.06
C LEU A 40 5.56 -36.32 11.79
N LEU A 41 6.75 -36.90 11.92
CA LEU A 41 7.43 -37.52 10.78
C LEU A 41 6.61 -38.63 10.15
N GLU A 42 5.84 -39.34 10.96
CA GLU A 42 5.03 -40.44 10.47
C GLU A 42 3.74 -39.91 9.83
N TYR A 43 3.17 -38.88 10.43
CA TYR A 43 1.97 -38.24 9.90
C TYR A 43 2.31 -37.49 8.61
N ALA A 44 3.57 -37.10 8.49
CA ALA A 44 4.04 -36.35 7.33
C ALA A 44 3.95 -37.18 6.06
N GLN A 45 4.19 -38.48 6.18
CA GLN A 45 4.15 -39.37 5.03
C GLN A 45 2.72 -39.78 4.71
N THR A 46 1.98 -40.18 5.75
CA THR A 46 0.62 -40.69 5.57
C THR A 46 -0.36 -39.64 5.09
N HIS A 47 -0.11 -38.38 5.44
CA HIS A 47 -0.99 -37.29 5.07
C HIS A 47 -0.21 -36.11 4.49
N ARG A 48 0.64 -36.37 3.51
CA ARG A 48 1.45 -35.32 2.93
C ARG A 48 0.62 -34.39 2.05
N ASP A 49 -0.44 -34.94 1.46
CA ASP A 49 -1.32 -34.16 0.59
C ASP A 49 -2.46 -33.54 1.38
N GLN A 50 -2.47 -33.77 2.68
CA GLN A 50 -3.52 -33.24 3.55
C GLN A 50 -3.02 -32.18 4.53
N ILE A 51 -1.90 -31.54 4.19
CA ILE A 51 -1.34 -30.50 5.05
C ILE A 51 -1.28 -29.15 4.33
N ASP A 52 -2.03 -28.17 4.84
CA ASP A 52 -2.02 -26.82 4.30
C ASP A 52 -0.96 -25.95 4.94
N CYS A 53 -0.86 -26.01 6.27
CA CYS A 53 0.08 -25.18 7.01
C CYS A 53 0.70 -25.90 8.20
N LEU A 54 1.98 -25.64 8.44
CA LEU A 54 2.70 -26.21 9.56
C LEU A 54 2.96 -25.20 10.67
N ILE A 55 2.96 -25.68 11.91
CA ILE A 55 3.35 -24.85 13.04
C ILE A 55 4.40 -25.62 13.85
N LEU A 56 5.66 -25.33 13.57
CA LEU A 56 6.77 -26.06 14.18
C LEU A 56 7.40 -25.31 15.34
N VAL A 57 7.15 -25.79 16.56
CA VAL A 57 7.77 -25.22 17.75
C VAL A 57 9.25 -25.60 17.80
N ALA A 58 10.10 -24.59 17.93
CA ALA A 58 11.55 -24.81 17.97
C ALA A 58 11.98 -25.54 19.23
N ALA A 59 11.20 -25.36 20.31
CA ALA A 59 11.54 -25.92 21.61
C ALA A 59 11.35 -27.44 21.66
N ASN A 60 11.01 -28.03 20.51
CA ASN A 60 10.83 -29.46 20.41
C ASN A 60 12.14 -30.19 20.13
N PRO A 61 12.43 -31.26 20.90
CA PRO A 61 13.66 -32.05 20.82
C PRO A 61 13.97 -32.52 19.40
N SER A 62 15.26 -32.55 19.05
CA SER A 62 15.73 -32.99 17.73
C SER A 62 15.02 -32.23 16.61
N PHE A 63 14.84 -30.93 16.80
CA PHE A 63 14.12 -30.08 15.87
C PHE A 63 14.69 -30.15 14.45
N ARG A 64 15.96 -29.77 14.31
CA ARG A 64 16.61 -29.73 13.00
C ARG A 64 16.58 -31.07 12.28
N ALA A 65 16.69 -32.15 13.06
CA ALA A 65 16.65 -33.50 12.51
C ALA A 65 15.29 -33.79 11.89
N VAL A 66 14.22 -33.43 12.61
CA VAL A 66 12.86 -33.58 12.12
C VAL A 66 12.64 -32.70 10.90
N VAL A 67 13.24 -31.52 10.90
CA VAL A 67 13.14 -30.60 9.77
C VAL A 67 13.97 -31.09 8.59
N GLN A 68 15.18 -31.56 8.86
CA GLN A 68 16.05 -32.11 7.83
C GLN A 68 15.38 -33.28 7.12
N GLN A 69 14.79 -34.17 7.91
CA GLN A 69 14.10 -35.34 7.38
C GLN A 69 12.85 -34.94 6.60
N LEU A 70 12.20 -33.87 7.06
CA LEU A 70 10.95 -33.41 6.47
C LEU A 70 11.13 -32.92 5.04
N CYS A 71 12.29 -32.36 4.75
CA CYS A 71 12.58 -31.87 3.41
C CYS A 71 12.98 -33.02 2.49
N PHE A 72 13.44 -34.12 3.08
CA PHE A 72 13.84 -35.30 2.32
C PHE A 72 12.64 -35.99 1.69
N GLU A 73 11.54 -36.06 2.42
CA GLU A 73 10.32 -36.73 1.92
C GLU A 73 9.58 -35.85 0.91
N GLY A 74 10.04 -34.62 0.73
CA GLY A 74 9.44 -33.71 -0.22
C GLY A 74 8.37 -32.83 0.41
N VAL A 75 8.20 -32.97 1.72
CA VAL A 75 7.19 -32.21 2.43
C VAL A 75 7.58 -30.74 2.55
N VAL A 76 7.12 -29.91 1.62
CA VAL A 76 7.41 -28.48 1.65
C VAL A 76 6.11 -27.66 1.64
N VAL A 77 5.65 -27.31 2.84
CA VAL A 77 4.39 -26.58 2.99
C VAL A 77 4.60 -25.32 3.85
N PRO A 78 3.66 -24.35 3.74
CA PRO A 78 3.67 -23.17 4.61
C PRO A 78 3.90 -23.51 6.07
N ALA A 79 4.77 -22.77 6.74
CA ALA A 79 5.10 -23.07 8.12
C ALA A 79 5.09 -21.83 9.02
N ILE A 80 4.90 -22.06 10.32
CA ILE A 80 4.99 -21.01 11.32
C ILE A 80 5.84 -21.49 12.50
N VAL A 81 7.11 -21.11 12.51
CA VAL A 81 8.00 -21.48 13.61
C VAL A 81 7.70 -20.61 14.82
N VAL A 82 7.56 -21.25 15.99
CA VAL A 82 7.20 -20.53 17.21
C VAL A 82 8.32 -20.57 18.24
N GLY A 83 8.56 -19.43 18.88
CA GLY A 83 9.54 -19.35 19.96
C GLY A 83 10.97 -19.47 19.46
N ASP A 84 11.92 -19.45 20.41
CA ASP A 84 13.33 -19.55 20.07
C ASP A 84 13.99 -20.72 20.80
N ARG A 85 14.51 -21.66 20.02
CA ARG A 85 15.30 -22.76 20.54
C ARG A 85 16.36 -23.13 19.52
N ASP A 86 17.40 -22.31 19.45
CA ASP A 86 18.50 -22.57 18.54
C ASP A 86 19.35 -23.71 19.08
N SER A 87 19.68 -24.65 18.21
CA SER A 87 20.55 -25.75 18.57
C SER A 87 21.98 -25.22 18.75
N GLU A 88 22.73 -25.82 19.66
CA GLU A 88 24.04 -25.32 20.05
C GLU A 88 25.19 -25.95 19.26
N ASP A 89 24.96 -27.17 18.78
CA ASP A 89 26.02 -27.93 18.10
C ASP A 89 25.93 -28.14 16.57
N PRO A 90 24.90 -27.59 15.87
CA PRO A 90 24.93 -27.94 14.45
C PRO A 90 26.05 -27.22 13.71
N ASP A 91 26.46 -26.08 14.28
CA ASP A 91 27.58 -25.30 13.79
C ASP A 91 27.41 -24.80 12.35
N GLU A 92 26.23 -25.02 11.77
CA GLU A 92 25.91 -24.45 10.46
C GLU A 92 24.76 -23.41 10.43
N PRO A 93 24.43 -22.79 11.58
CA PRO A 93 23.69 -21.54 11.35
C PRO A 93 24.62 -20.48 10.72
N ALA A 94 24.21 -19.65 9.75
CA ALA A 94 22.85 -19.47 9.21
C ALA A 94 21.82 -19.10 10.27
N LYS A 95 20.55 -19.31 9.91
CA LYS A 95 19.31 -18.90 10.60
C LYS A 95 18.55 -17.97 9.65
N GLU A 96 19.04 -17.88 8.42
CA GLU A 96 18.31 -17.20 7.36
C GLU A 96 16.98 -17.92 7.14
N GLN A 97 16.98 -19.22 7.47
CA GLN A 97 15.77 -20.03 7.46
C GLN A 97 16.01 -21.34 8.20
N LEU A 98 15.01 -21.81 8.94
CA LEU A 98 15.10 -23.10 9.60
C LEU A 98 14.49 -24.19 8.71
N TYR A 99 13.28 -23.92 8.22
CA TYR A 99 12.58 -24.82 7.32
C TYR A 99 12.77 -24.35 5.87
N HIS A 100 11.92 -23.42 5.44
CA HIS A 100 12.05 -22.84 4.11
C HIS A 100 12.03 -21.32 4.19
N SER A 101 12.35 -20.66 3.08
CA SER A 101 12.53 -19.20 3.08
C SER A 101 11.25 -18.43 3.42
N ALA A 102 10.11 -18.98 3.03
CA ALA A 102 8.83 -18.31 3.23
C ALA A 102 8.18 -18.70 4.56
N GLU A 103 9.00 -19.13 5.52
CA GLU A 103 8.48 -19.53 6.82
C GLU A 103 8.22 -18.31 7.69
N LEU A 104 7.33 -18.46 8.67
CA LEU A 104 7.02 -17.38 9.59
C LEU A 104 7.51 -17.68 11.00
N HIS A 105 7.98 -16.64 11.68
CA HIS A 105 8.49 -16.78 13.04
C HIS A 105 7.62 -15.99 14.00
N LEU A 106 7.17 -16.66 15.07
CA LEU A 106 6.32 -16.01 16.07
C LEU A 106 6.82 -16.22 17.48
N GLY A 107 6.25 -15.45 18.41
CA GLY A 107 6.56 -15.59 19.82
C GLY A 107 5.58 -16.52 20.50
N ILE A 108 5.90 -16.93 21.72
CA ILE A 108 5.07 -17.87 22.46
C ILE A 108 3.83 -17.19 23.05
N HIS A 109 3.84 -15.86 23.07
CA HIS A 109 2.70 -15.10 23.58
C HIS A 109 2.03 -14.30 22.45
N GLN A 110 2.46 -14.56 21.22
CA GLN A 110 1.89 -13.90 20.05
C GLN A 110 1.05 -14.88 19.24
N LEU A 111 0.29 -15.72 19.94
CA LEU A 111 -0.47 -16.78 19.29
C LEU A 111 -1.95 -16.43 19.15
N GLU A 112 -2.37 -15.32 19.73
CA GLU A 112 -3.76 -14.87 19.59
C GLU A 112 -3.94 -14.10 18.29
N GLN A 113 -2.93 -14.16 17.44
CA GLN A 113 -2.95 -13.49 16.15
C GLN A 113 -2.85 -14.52 15.03
N LEU A 114 -2.80 -15.79 15.45
CA LEU A 114 -2.60 -16.91 14.53
C LEU A 114 -3.47 -16.91 13.27
N PRO A 115 -4.78 -16.63 13.39
CA PRO A 115 -5.58 -16.59 12.16
C PRO A 115 -5.01 -15.64 11.10
N TYR A 116 -4.55 -14.46 11.51
CA TYR A 116 -3.94 -13.52 10.60
C TYR A 116 -2.55 -13.98 10.18
N GLN A 117 -1.87 -14.68 11.09
CA GLN A 117 -0.53 -15.17 10.80
C GLN A 117 -0.57 -16.41 9.92
N VAL A 118 -1.63 -17.21 10.07
CA VAL A 118 -1.84 -18.34 9.19
C VAL A 118 -2.07 -17.83 7.76
N ASP A 119 -2.86 -16.76 7.63
CA ASP A 119 -3.07 -16.11 6.34
C ASP A 119 -1.74 -15.67 5.73
N ALA A 120 -0.92 -14.99 6.53
CA ALA A 120 0.39 -14.52 6.07
C ALA A 120 1.31 -15.66 5.66
N ALA A 121 1.28 -16.75 6.44
CA ALA A 121 2.12 -17.91 6.16
C ALA A 121 1.76 -18.57 4.84
N LEU A 122 0.46 -18.58 4.52
CA LEU A 122 -0.02 -19.16 3.28
C LEU A 122 0.26 -18.25 2.09
N ALA A 123 0.01 -16.95 2.27
CA ALA A 123 0.20 -15.98 1.20
C ALA A 123 1.67 -15.84 0.81
N GLU A 124 2.55 -15.85 1.81
CA GLU A 124 3.98 -15.72 1.57
C GLU A 124 4.52 -16.91 0.77
N PHE A 125 3.98 -18.10 1.04
CA PHE A 125 4.37 -19.32 0.34
C PHE A 125 4.02 -19.22 -1.14
N LEU A 126 2.79 -18.79 -1.42
CA LEU A 126 2.30 -18.65 -2.79
C LEU A 126 3.12 -17.65 -3.60
N ARG A 127 3.60 -16.61 -2.92
CA ARG A 127 4.31 -15.53 -3.58
C ARG A 127 5.76 -15.89 -3.88
N LEU A 128 6.35 -16.74 -3.03
CA LEU A 128 7.75 -17.12 -3.17
C LEU A 128 7.96 -18.54 -3.66
N ALA A 129 6.89 -19.20 -4.08
CA ALA A 129 6.99 -20.57 -4.59
C ALA A 129 7.67 -20.60 -5.95
N PRO A 130 8.63 -21.52 -6.15
CA PRO A 130 9.11 -22.47 -5.12
C PRO A 130 10.18 -21.85 -4.21
N VAL A 131 10.21 -22.28 -2.96
CA VAL A 131 11.14 -21.71 -1.99
C VAL A 131 12.38 -22.57 -1.81
N GLU A 132 13.28 -22.13 -0.94
CA GLU A 132 14.53 -22.83 -0.69
C GLU A 132 14.59 -23.33 0.75
N THR A 133 15.02 -24.59 0.91
CA THR A 133 15.17 -25.18 2.23
C THR A 133 16.63 -25.37 2.59
N MET A 134 16.93 -25.29 3.88
CA MET A 134 18.29 -25.49 4.37
C MET A 134 18.52 -26.98 4.67
N ALA A 135 18.02 -27.84 3.78
CA ALA A 135 18.10 -29.28 4.00
C ALA A 135 18.07 -30.07 2.69
N ASP A 136 17.39 -29.53 1.68
CA ASP A 136 17.24 -30.23 0.40
C ASP A 136 17.58 -29.35 -0.79
N HIS A 137 17.19 -28.08 -0.72
CA HIS A 137 17.35 -27.17 -1.86
C HIS A 137 18.82 -26.73 -2.05
N ILE A 138 19.72 -27.33 -1.26
CA ILE A 138 21.13 -27.03 -1.36
C ILE A 138 21.93 -28.33 -1.55
N MET A 139 21.31 -29.44 -1.16
CA MET A 139 21.94 -30.75 -1.19
C MET A 139 20.89 -31.81 -0.84
N LEU A 140 20.88 -32.95 -1.54
CA LEU A 140 21.94 -33.35 -2.47
C LEU A 140 21.50 -33.44 -3.93
N MET A 141 20.31 -33.97 -4.16
CA MET A 141 19.83 -34.16 -5.52
C MET A 141 19.26 -32.87 -6.11
N GLY A 142 19.86 -32.40 -7.20
CA GLY A 142 21.00 -33.07 -7.81
C GLY A 142 21.94 -32.11 -8.50
N ALA A 143 22.11 -30.94 -7.90
CA ALA A 143 22.95 -29.86 -8.44
C ALA A 143 22.53 -29.50 -9.87
N ASN A 144 21.59 -28.56 -10.01
CA ASN A 144 21.03 -27.83 -8.87
C ASN A 144 19.54 -27.51 -9.08
N HIS A 145 18.72 -27.60 -8.03
CA HIS A 145 19.13 -28.02 -6.69
C HIS A 145 17.97 -28.68 -5.94
N ASP A 146 17.03 -29.28 -6.67
CA ASP A 146 15.83 -29.85 -6.06
C ASP A 146 15.33 -31.10 -6.79
N PRO A 147 14.67 -32.01 -6.05
CA PRO A 147 14.12 -33.22 -6.67
C PRO A 147 12.70 -33.01 -7.18
N GLU A 148 12.35 -31.78 -7.52
CA GLU A 148 11.04 -31.45 -8.06
C GLU A 148 11.18 -30.70 -9.39
N LEU A 149 11.43 -31.43 -10.46
CA LEU A 149 11.61 -30.82 -11.77
C LEU A 149 10.30 -30.26 -12.31
N SER A 150 9.19 -30.95 -12.04
CA SER A 150 7.87 -30.49 -12.45
C SER A 150 7.28 -29.54 -11.43
N SER A 151 8.13 -29.07 -10.51
CA SER A 151 7.73 -28.13 -9.46
C SER A 151 6.59 -28.67 -8.60
N GLN A 152 6.94 -29.50 -7.62
CA GLN A 152 5.95 -30.05 -6.69
C GLN A 152 5.36 -28.97 -5.79
N GLN A 153 6.09 -27.87 -5.65
CA GLN A 153 5.62 -26.73 -4.86
C GLN A 153 4.56 -25.95 -5.64
N ARG A 154 4.72 -25.91 -6.97
CA ARG A 154 3.76 -25.20 -7.80
C ARG A 154 2.48 -26.03 -7.96
N ASP A 155 2.61 -27.35 -7.95
CA ASP A 155 1.46 -28.23 -7.98
C ASP A 155 0.63 -28.07 -6.71
N LEU A 156 1.28 -27.60 -5.65
CA LEU A 156 0.60 -27.28 -4.41
C LEU A 156 0.16 -25.82 -4.39
N ALA A 157 1.01 -24.95 -4.95
CA ALA A 157 0.72 -23.52 -5.01
C ALA A 157 -0.55 -23.26 -5.81
N GLN A 158 -0.68 -23.93 -6.96
CA GLN A 158 -1.88 -23.82 -7.76
C GLN A 158 -3.09 -24.35 -7.00
N ARG A 159 -2.86 -25.37 -6.18
CA ARG A 159 -3.94 -25.99 -5.42
C ARG A 159 -4.44 -25.06 -4.32
N LEU A 160 -3.52 -24.32 -3.72
CA LEU A 160 -3.87 -23.39 -2.65
C LEU A 160 -4.37 -22.06 -3.21
N GLN A 161 -3.93 -21.71 -4.42
CA GLN A 161 -4.29 -20.44 -5.03
C GLN A 161 -5.77 -20.38 -5.40
N GLU A 162 -6.33 -21.51 -5.81
CA GLU A 162 -7.71 -21.56 -6.27
C GLU A 162 -8.71 -21.59 -5.12
N ARG A 163 -8.25 -22.06 -3.96
CA ARG A 163 -9.12 -22.17 -2.80
C ARG A 163 -8.97 -20.98 -1.85
N LEU A 164 -7.76 -20.48 -1.70
CA LEU A 164 -7.48 -19.40 -0.75
C LEU A 164 -7.39 -18.06 -1.47
N GLY A 165 -7.69 -18.06 -2.76
CA GLY A 165 -7.62 -16.84 -3.54
C GLY A 165 -8.89 -16.59 -4.34
N TYR A 166 -9.08 -15.35 -4.77
CA TYR A 166 -10.22 -15.00 -5.58
C TYR A 166 -9.77 -14.25 -6.83
N LEU A 167 -10.75 -13.77 -7.59
CA LEU A 167 -10.47 -13.09 -8.85
C LEU A 167 -11.14 -11.72 -8.87
N GLY A 168 -10.34 -10.66 -8.88
CA GLY A 168 -10.85 -9.30 -8.88
C GLY A 168 -10.33 -8.48 -10.03
N VAL A 169 -10.86 -7.26 -10.17
CA VAL A 169 -10.47 -6.36 -11.26
C VAL A 169 -9.67 -5.16 -10.75
N TYR A 170 -8.51 -4.92 -11.37
CA TYR A 170 -7.65 -3.79 -11.01
C TYR A 170 -7.55 -2.80 -12.16
N TYR A 171 -7.20 -1.55 -11.85
CA TYR A 171 -6.94 -0.56 -12.89
C TYR A 171 -5.59 -0.88 -13.52
N LYS A 172 -5.57 -1.24 -14.80
CA LYS A 172 -4.31 -1.61 -15.42
C LYS A 172 -3.47 -0.38 -15.73
N ARG A 173 -2.48 -0.15 -14.87
CA ARG A 173 -1.47 0.87 -15.08
C ARG A 173 -0.59 0.45 -16.25
N ASP A 174 -0.03 1.42 -16.96
CA ASP A 174 0.85 1.13 -18.09
C ASP A 174 2.22 0.72 -17.59
N PRO A 175 2.60 -0.55 -17.78
CA PRO A 175 3.90 -1.06 -17.32
C PRO A 175 5.06 -0.40 -18.07
N ASP A 176 4.79 0.11 -19.27
CA ASP A 176 5.80 0.81 -20.06
C ASP A 176 6.08 2.21 -19.49
N ARG A 177 5.23 2.65 -18.56
CA ARG A 177 5.42 3.94 -17.93
C ARG A 177 5.81 3.80 -16.45
N PHE A 178 6.13 2.57 -16.05
CA PHE A 178 6.74 2.35 -14.74
C PHE A 178 8.15 2.92 -14.77
N LEU A 179 8.62 3.38 -13.62
CA LEU A 179 9.93 4.03 -13.53
C LEU A 179 11.07 3.10 -13.97
N ARG A 180 10.96 1.83 -13.62
CA ARG A 180 12.03 0.88 -13.92
C ARG A 180 11.94 0.34 -15.36
N ASN A 181 10.90 0.74 -16.08
CA ASN A 181 10.73 0.28 -17.45
C ASN A 181 10.91 1.40 -18.47
N LEU A 182 10.75 2.64 -18.02
CA LEU A 182 10.90 3.80 -18.90
C LEU A 182 12.32 3.89 -19.44
N PRO A 183 12.48 4.45 -20.64
CA PRO A 183 13.80 4.75 -21.20
C PRO A 183 14.59 5.64 -20.25
N ALA A 184 15.91 5.53 -20.27
CA ALA A 184 16.78 6.24 -19.33
C ALA A 184 16.48 7.73 -19.23
N TYR A 185 16.26 8.38 -20.36
CA TYR A 185 15.93 9.80 -20.36
C TYR A 185 14.57 10.05 -19.72
N GLU A 186 13.56 9.29 -20.16
CA GLU A 186 12.21 9.40 -19.62
C GLU A 186 12.18 9.13 -18.12
N SER A 187 13.04 8.22 -17.69
CA SER A 187 13.04 7.78 -16.29
C SER A 187 13.50 8.89 -15.36
N GLN A 188 14.49 9.66 -15.78
CA GLN A 188 15.08 10.66 -14.91
C GLN A 188 14.44 12.04 -15.08
N LYS A 189 13.60 12.19 -16.10
CA LYS A 189 12.78 13.40 -16.19
C LYS A 189 11.60 13.27 -15.23
N LEU A 190 11.04 12.06 -15.15
CA LEU A 190 9.98 11.77 -14.20
C LEU A 190 10.54 11.86 -12.78
N HIS A 191 11.76 11.37 -12.62
CA HIS A 191 12.43 11.42 -11.32
C HIS A 191 12.66 12.86 -10.89
N GLN A 192 13.01 13.73 -11.85
CA GLN A 192 13.17 15.14 -11.57
C GLN A 192 11.81 15.79 -11.30
N ALA A 193 10.80 15.31 -12.01
CA ALA A 193 9.44 15.80 -11.81
C ALA A 193 8.94 15.47 -10.42
N MET A 194 9.37 14.33 -9.89
CA MET A 194 9.00 13.92 -8.55
C MET A 194 9.82 14.65 -7.50
N GLN A 195 11.08 14.93 -7.81
CA GLN A 195 11.94 15.71 -6.92
C GLN A 195 11.38 17.12 -6.76
N THR A 196 10.99 17.72 -7.88
CA THR A 196 10.40 19.05 -7.88
C THR A 196 9.09 19.06 -7.09
N SER A 197 8.23 18.08 -7.37
CA SER A 197 6.95 17.94 -6.69
C SER A 197 7.14 17.82 -5.19
N TYR A 198 8.09 16.99 -4.78
CA TYR A 198 8.34 16.76 -3.37
C TYR A 198 8.86 18.01 -2.68
N ARG A 199 9.73 18.76 -3.36
CA ARG A 199 10.26 20.00 -2.81
C ARG A 199 9.13 20.98 -2.54
N GLU A 200 8.21 21.06 -3.50
CA GLU A 200 7.02 21.88 -3.37
C GLU A 200 6.20 21.50 -2.13
N ILE A 201 6.13 20.19 -1.87
CA ILE A 201 5.42 19.69 -0.69
C ILE A 201 6.13 20.14 0.59
N VAL A 202 7.43 19.90 0.64
CA VAL A 202 8.23 20.24 1.81
C VAL A 202 8.25 21.74 2.11
N LEU A 203 8.45 22.55 1.09
CA LEU A 203 8.52 24.00 1.27
C LEU A 203 7.22 24.59 1.78
N SER A 204 6.11 23.94 1.45
CA SER A 204 4.80 24.42 1.87
C SER A 204 4.15 23.47 2.85
N TYR A 205 4.95 22.59 3.44
CA TYR A 205 4.41 21.61 4.38
C TYR A 205 3.92 22.27 5.65
N PHE A 206 4.67 23.25 6.14
CA PHE A 206 4.26 23.99 7.33
C PHE A 206 3.58 25.30 6.96
N SER A 207 3.09 25.37 5.74
CA SER A 207 2.26 26.49 5.30
C SER A 207 0.80 26.07 5.32
N PRO A 208 0.05 26.55 6.32
CA PRO A 208 -1.38 26.24 6.46
C PRO A 208 -2.18 26.82 5.30
N ASN A 209 -3.40 26.33 5.11
CA ASN A 209 -4.29 26.87 4.07
C ASN A 209 -3.59 26.96 2.73
N SER A 210 -3.00 25.84 2.31
CA SER A 210 -2.25 25.80 1.07
C SER A 210 -2.67 24.60 0.23
N ASN A 211 -2.02 24.45 -0.92
CA ASN A 211 -2.28 23.32 -1.80
C ASN A 211 -1.42 22.13 -1.42
N LEU A 212 -0.95 22.12 -0.18
CA LEU A 212 -0.10 21.05 0.35
C LEU A 212 -0.68 19.66 0.06
N ASN A 213 -1.94 19.46 0.43
CA ASN A 213 -2.60 18.18 0.23
C ASN A 213 -2.82 17.91 -1.25
N GLN A 214 -3.07 18.96 -2.03
CA GLN A 214 -3.20 18.82 -3.47
C GLN A 214 -1.83 18.54 -4.08
N SER A 215 -0.79 19.03 -3.44
CA SER A 215 0.58 18.78 -3.87
C SER A 215 0.99 17.35 -3.55
N ILE A 216 0.52 16.84 -2.41
CA ILE A 216 0.79 15.47 -2.01
C ILE A 216 0.12 14.49 -2.96
N ASP A 217 -1.16 14.73 -3.25
CA ASP A 217 -1.92 13.89 -4.17
C ASP A 217 -1.24 13.75 -5.51
N ASN A 218 -0.79 14.87 -6.07
CA ASN A 218 -0.18 14.87 -7.39
C ASN A 218 1.17 14.17 -7.41
N PHE A 219 1.85 14.15 -6.27
CA PHE A 219 3.09 13.39 -6.13
C PHE A 219 2.80 11.92 -5.98
N VAL A 220 1.83 11.60 -5.13
CA VAL A 220 1.46 10.22 -4.84
C VAL A 220 0.90 9.56 -6.10
N ASN A 221 0.17 10.32 -6.90
CA ASN A 221 -0.36 9.82 -8.17
C ASN A 221 0.76 9.38 -9.10
N MET A 222 1.79 10.23 -9.25
CA MET A 222 2.96 9.86 -10.02
C MET A 222 3.65 8.64 -9.41
N ALA A 223 3.70 8.61 -8.08
CA ALA A 223 4.36 7.52 -7.38
C ALA A 223 3.61 6.20 -7.55
N PHE A 224 2.28 6.27 -7.49
CA PHE A 224 1.46 5.06 -7.53
C PHE A 224 1.40 4.44 -8.93
N PHE A 225 1.26 5.28 -9.95
CA PHE A 225 1.03 4.77 -11.30
C PHE A 225 2.33 4.48 -12.06
N ALA A 226 3.45 4.97 -11.54
CA ALA A 226 4.75 4.60 -12.08
C ALA A 226 5.35 3.44 -11.28
N ASP A 227 4.55 2.92 -10.35
CA ASP A 227 4.93 1.78 -9.52
C ASP A 227 6.31 1.91 -8.90
N VAL A 228 6.61 3.09 -8.36
CA VAL A 228 7.89 3.31 -7.70
C VAL A 228 7.82 2.71 -6.30
N PRO A 229 8.88 1.99 -5.91
CA PRO A 229 8.94 1.44 -4.55
C PRO A 229 9.07 2.55 -3.52
N VAL A 230 8.65 2.28 -2.29
CA VAL A 230 8.64 3.29 -1.24
C VAL A 230 10.04 3.79 -0.93
N THR A 231 11.04 2.95 -1.23
CA THR A 231 12.44 3.30 -1.01
C THR A 231 12.85 4.53 -1.83
N LYS A 232 12.35 4.60 -3.06
CA LYS A 232 12.63 5.74 -3.93
C LYS A 232 12.06 7.02 -3.34
N VAL A 233 10.88 6.93 -2.76
CA VAL A 233 10.26 8.07 -2.08
C VAL A 233 11.13 8.48 -0.90
N VAL A 234 11.57 7.49 -0.13
CA VAL A 234 12.48 7.75 0.98
C VAL A 234 13.78 8.34 0.44
N GLU A 235 14.24 7.87 -0.71
CA GLU A 235 15.45 8.39 -1.34
C GLU A 235 15.29 9.83 -1.79
N ILE A 236 14.13 10.16 -2.37
CA ILE A 236 13.84 11.52 -2.80
C ILE A 236 13.89 12.49 -1.62
N HIS A 237 13.35 12.04 -0.49
CA HIS A 237 13.37 12.82 0.74
C HIS A 237 14.81 13.14 1.17
N MET A 238 15.69 12.15 1.08
CA MET A 238 17.09 12.33 1.46
C MET A 238 17.80 13.36 0.60
N GLU A 239 17.68 13.21 -0.71
CA GLU A 239 18.33 14.11 -1.67
C GLU A 239 17.98 15.56 -1.39
N LEU A 240 16.78 15.81 -0.91
CA LEU A 240 16.37 17.16 -0.54
C LEU A 240 16.92 17.54 0.83
N MET A 241 16.95 16.58 1.75
CA MET A 241 17.49 16.83 3.08
C MET A 241 18.97 17.16 3.00
N ASP A 242 19.70 16.44 2.16
CA ASP A 242 21.10 16.74 1.92
C ASP A 242 21.26 18.16 1.40
N GLU A 243 20.40 18.54 0.47
CA GLU A 243 20.38 19.89 -0.08
C GLU A 243 20.15 20.92 1.01
N PHE A 244 19.11 20.69 1.82
CA PHE A 244 18.79 21.60 2.91
C PHE A 244 19.87 21.60 3.98
N ALA A 245 20.51 20.45 4.18
CA ALA A 245 21.56 20.31 5.19
C ALA A 245 22.70 21.29 4.94
N LYS A 246 23.27 21.22 3.74
CA LYS A 246 24.38 22.10 3.35
C LYS A 246 23.91 23.54 3.34
N LYS A 247 22.68 23.75 2.86
CA LYS A 247 22.06 25.07 2.82
C LYS A 247 21.96 25.72 4.20
N LEU A 248 21.83 24.91 5.24
CA LEU A 248 21.63 25.42 6.59
C LEU A 248 22.94 25.75 7.33
N ARG A 249 24.00 25.02 7.02
CA ARG A 249 25.30 25.21 7.67
C ARG A 249 25.75 26.66 7.64
N VAL A 250 25.84 27.23 6.44
CA VAL A 250 26.09 28.65 6.29
C VAL A 250 24.80 29.30 5.81
N GLU A 251 24.61 30.58 6.15
CA GLU A 251 23.41 31.32 5.75
C GLU A 251 22.16 30.64 6.32
N GLY A 252 22.22 30.29 7.61
CA GLY A 252 21.13 29.63 8.28
C GLY A 252 21.47 29.03 9.63
N ARG A 253 20.46 28.47 10.29
CA ARG A 253 20.65 27.87 11.61
C ARG A 253 21.16 26.44 11.53
N SER A 254 20.89 25.64 12.56
CA SER A 254 21.28 24.25 12.57
C SER A 254 20.30 23.40 11.77
N GLU A 255 20.56 22.10 11.69
CA GLU A 255 19.68 21.18 10.98
C GLU A 255 18.75 20.44 11.94
N ASP A 256 17.87 21.19 12.59
CA ASP A 256 16.89 20.61 13.50
C ASP A 256 15.52 20.49 12.83
N ILE A 257 15.24 21.39 11.89
CA ILE A 257 13.96 21.38 11.19
C ILE A 257 13.87 20.16 10.29
N LEU A 258 15.02 19.59 9.92
CA LEU A 258 15.05 18.36 9.15
C LEU A 258 14.36 17.23 9.92
N LEU A 259 14.46 17.28 11.24
CA LEU A 259 13.77 16.31 12.09
C LEU A 259 12.27 16.58 12.08
N ASP A 260 11.90 17.85 11.86
CA ASP A 260 10.50 18.22 11.75
C ASP A 260 9.97 17.82 10.38
N TYR A 261 10.88 17.59 9.45
CA TYR A 261 10.51 17.20 8.10
C TYR A 261 10.28 15.69 8.00
N ARG A 262 10.46 14.99 9.11
CA ARG A 262 10.13 13.57 9.16
C ARG A 262 8.62 13.39 9.09
N LEU A 263 7.88 14.39 9.56
CA LEU A 263 6.42 14.39 9.46
C LEU A 263 5.97 14.37 8.01
N THR A 264 6.72 15.09 7.17
CA THR A 264 6.41 15.17 5.75
C THR A 264 6.52 13.80 5.08
N LEU A 265 7.50 13.02 5.50
CA LEU A 265 7.72 11.70 4.93
C LEU A 265 6.63 10.75 5.37
N ILE A 266 6.31 10.76 6.66
CA ILE A 266 5.18 10.00 7.19
C ILE A 266 3.90 10.35 6.45
N ASP A 267 3.70 11.64 6.22
CA ASP A 267 2.49 12.13 5.58
C ASP A 267 2.32 11.56 4.17
N VAL A 268 3.37 11.67 3.37
CA VAL A 268 3.34 11.23 1.98
C VAL A 268 3.23 9.71 1.84
N ILE A 269 4.00 8.97 2.64
CA ILE A 269 3.98 7.51 2.58
C ILE A 269 2.61 6.98 3.00
N ALA A 270 1.99 7.67 3.96
CA ALA A 270 0.66 7.30 4.45
C ALA A 270 -0.37 7.40 3.33
N HIS A 271 -0.30 8.50 2.58
CA HIS A 271 -1.17 8.68 1.42
C HIS A 271 -0.97 7.56 0.41
N LEU A 272 0.30 7.28 0.09
CA LEU A 272 0.63 6.26 -0.88
C LEU A 272 0.18 4.88 -0.43
N CYS A 273 0.30 4.63 0.87
CA CYS A 273 -0.11 3.36 1.44
C CYS A 273 -1.62 3.16 1.31
N GLU A 274 -2.38 4.22 1.57
CA GLU A 274 -3.84 4.15 1.49
C GLU A 274 -4.30 3.92 0.06
N MET A 275 -3.62 4.56 -0.88
CA MET A 275 -3.97 4.46 -2.29
C MET A 275 -3.83 3.03 -2.79
N TYR A 276 -2.80 2.33 -2.30
CA TYR A 276 -2.63 0.91 -2.60
C TYR A 276 -3.71 0.09 -1.91
N ARG A 277 -4.05 0.47 -0.70
CA ARG A 277 -5.05 -0.25 0.07
C ARG A 277 -6.44 -0.08 -0.53
N ARG A 278 -6.69 1.11 -1.08
CA ARG A 278 -7.96 1.41 -1.73
C ARG A 278 -8.12 0.71 -3.08
N SER A 279 -6.99 0.31 -3.67
CA SER A 279 -7.00 -0.24 -5.02
C SER A 279 -7.18 -1.75 -5.02
N ILE A 280 -7.63 -2.29 -3.88
CA ILE A 280 -7.90 -3.72 -3.76
C ILE A 280 -9.41 -3.98 -3.80
N PRO A 281 -9.85 -4.79 -4.77
CA PRO A 281 -11.27 -5.05 -5.00
C PRO A 281 -11.82 -6.20 -4.16
N ARG A 282 -13.09 -6.51 -4.37
CA ARG A 282 -13.72 -7.68 -3.74
C ARG A 282 -13.99 -8.74 -4.80
N GLU A 283 -14.56 -9.87 -4.38
CA GLU A 283 -14.74 -11.01 -5.28
C GLU A 283 -15.85 -10.82 -6.30
N THR A 284 -16.98 -10.29 -5.84
CA THR A 284 -18.19 -10.12 -6.66
C THR A 284 -18.62 -11.43 -7.32
N ASP B 1 1.57 14.88 23.77
CA ASP B 1 0.56 15.92 23.62
C ASP B 1 0.87 16.83 22.44
N GLU B 2 2.11 17.32 22.39
CA GLU B 2 2.55 18.20 21.31
C GLU B 2 2.74 17.42 20.02
N LYS B 3 3.38 16.25 20.10
CA LYS B 3 3.55 15.39 18.94
C LYS B 3 2.24 14.69 18.64
N SER B 4 1.40 14.53 19.66
CA SER B 4 0.05 13.98 19.47
C SER B 4 -0.77 14.92 18.59
N GLU B 5 -0.51 16.22 18.72
CA GLU B 5 -1.12 17.21 17.85
C GLU B 5 -0.51 17.14 16.46
N LEU B 6 0.80 16.90 16.41
CA LEU B 6 1.52 16.83 15.14
C LEU B 6 1.25 15.53 14.39
N SER B 7 0.96 14.47 15.14
CA SER B 7 0.64 13.18 14.54
C SER B 7 -0.77 13.19 13.96
N ARG B 8 -1.67 13.92 14.63
CA ARG B 8 -3.05 14.03 14.18
C ARG B 8 -3.14 14.78 12.86
N ILE B 9 -2.11 15.56 12.56
CA ILE B 9 -1.98 16.23 11.27
C ILE B 9 -2.01 15.21 10.14
N VAL B 10 -1.15 14.19 10.28
CA VAL B 10 -1.04 13.13 9.28
C VAL B 10 -2.27 12.22 9.32
N ARG B 11 -2.92 12.16 10.47
CA ARG B 11 -4.10 11.31 10.63
C ARG B 11 -5.26 11.79 9.76
N GLY B 12 -5.69 13.04 9.97
CA GLY B 12 -6.87 13.56 9.32
C GLY B 12 -6.73 13.86 7.84
N VAL B 13 -5.50 14.06 7.38
CA VAL B 13 -5.25 14.47 6.01
C VAL B 13 -5.53 13.35 5.00
N GLN B 14 -5.25 12.10 5.39
CA GLN B 14 -5.43 10.98 4.49
C GLN B 14 -6.77 10.28 4.72
N GLU B 15 -7.80 11.08 5.01
CA GLU B 15 -9.14 10.56 5.25
C GLU B 15 -10.20 10.70 4.12
N LYS B 16 -10.24 11.77 3.32
CA LYS B 16 -9.30 12.89 3.32
C LYS B 16 -10.02 14.22 3.45
N MET C 1 -1.85 -4.62 -24.59
CA MET C 1 -3.11 -4.82 -23.89
C MET C 1 -3.56 -3.55 -23.17
N LEU C 2 -3.74 -2.47 -23.92
CA LEU C 2 -4.16 -1.20 -23.36
C LEU C 2 -5.20 -0.51 -24.24
N SER C 3 -6.34 -0.19 -23.65
CA SER C 3 -7.43 0.45 -24.38
C SER C 3 -7.16 1.94 -24.59
N GLN C 4 -7.64 2.46 -25.71
CA GLN C 4 -7.48 3.88 -26.03
C GLN C 4 -8.24 4.75 -25.03
N ILE C 5 -7.73 5.96 -24.80
CA ILE C 5 -8.38 6.90 -23.90
C ILE C 5 -8.78 8.17 -24.67
N ALA C 6 -10.08 8.37 -24.83
CA ALA C 6 -10.58 9.54 -25.52
C ALA C 6 -10.59 10.76 -24.60
N ILE C 7 -9.76 11.74 -24.91
CA ILE C 7 -9.64 12.91 -24.06
C ILE C 7 -10.17 14.16 -24.74
N CYS C 8 -11.16 14.79 -24.11
CA CYS C 8 -11.68 16.06 -24.59
C CYS C 8 -11.15 17.19 -23.71
N ILE C 9 -10.44 18.13 -24.32
CA ILE C 9 -9.81 19.19 -23.57
C ILE C 9 -10.35 20.57 -23.96
N TRP C 10 -10.84 21.30 -22.97
CA TRP C 10 -11.33 22.65 -23.19
C TRP C 10 -10.24 23.67 -22.84
N VAL C 11 -9.55 24.15 -23.85
CA VAL C 11 -8.47 25.11 -23.66
C VAL C 11 -8.56 26.21 -24.71
N GLU C 12 -8.36 27.45 -24.28
CA GLU C 12 -8.39 28.59 -25.18
C GLU C 12 -7.04 29.29 -25.17
N SER C 13 -6.00 28.53 -24.85
CA SER C 13 -4.63 29.04 -24.81
C SER C 13 -3.72 28.23 -25.72
N THR C 14 -2.99 28.92 -26.60
CA THR C 14 -2.07 28.25 -27.53
C THR C 14 -0.86 27.70 -26.79
N ALA C 15 -0.68 28.10 -25.54
CA ALA C 15 0.45 27.63 -24.74
C ALA C 15 0.12 26.32 -24.02
N ILE C 16 -1.00 26.32 -23.30
CA ILE C 16 -1.45 25.14 -22.57
C ILE C 16 -1.78 23.99 -23.52
N LEU C 17 -2.38 24.32 -24.66
CA LEU C 17 -2.74 23.32 -25.66
C LEU C 17 -1.52 22.51 -26.09
N GLN C 18 -0.42 23.20 -26.38
CA GLN C 18 0.81 22.54 -26.80
C GLN C 18 1.43 21.74 -25.65
N ASP C 19 1.28 22.23 -24.42
CA ASP C 19 1.78 21.52 -23.25
C ASP C 19 1.06 20.19 -23.06
N CYS C 20 -0.24 20.19 -23.34
CA CYS C 20 -1.04 18.98 -23.25
C CYS C 20 -0.78 18.05 -24.42
N GLN C 21 -0.62 18.64 -25.61
CA GLN C 21 -0.35 17.87 -26.81
C GLN C 21 0.99 17.15 -26.75
N ARG C 22 1.99 17.80 -26.14
CA ARG C 22 3.30 17.18 -26.00
C ARG C 22 3.28 16.10 -24.94
N ALA C 23 2.52 16.31 -23.88
CA ALA C 23 2.43 15.36 -22.78
C ALA C 23 1.59 14.14 -23.15
N LEU C 24 0.57 14.36 -23.98
CA LEU C 24 -0.32 13.29 -24.40
C LEU C 24 -0.09 12.93 -25.86
N SER C 25 1.17 13.03 -26.30
CA SER C 25 1.51 12.79 -27.70
C SER C 25 1.47 11.31 -28.07
N ALA C 26 1.34 10.44 -27.06
CA ALA C 26 1.32 9.00 -27.29
C ALA C 26 0.08 8.59 -28.09
N ASP C 27 0.16 7.41 -28.69
CA ASP C 27 -0.91 6.92 -29.57
C ASP C 27 -2.15 6.53 -28.78
N ARG C 28 -1.98 6.31 -27.48
CA ARG C 28 -3.06 5.86 -26.62
C ARG C 28 -4.13 6.93 -26.42
N TYR C 29 -3.72 8.19 -26.47
CA TYR C 29 -4.61 9.29 -26.14
C TYR C 29 -5.25 9.95 -27.36
N GLN C 30 -6.57 9.85 -27.44
CA GLN C 30 -7.34 10.50 -28.51
C GLN C 30 -7.72 11.91 -28.11
N LEU C 31 -7.00 12.89 -28.62
CA LEU C 31 -7.20 14.28 -28.24
C LEU C 31 -8.30 14.99 -29.05
N GLN C 32 -9.29 15.51 -28.34
CA GLN C 32 -10.30 16.36 -28.94
C GLN C 32 -10.25 17.74 -28.32
N VAL C 33 -10.04 18.75 -29.15
CA VAL C 33 -9.86 20.10 -28.64
C VAL C 33 -11.06 20.99 -28.93
N CYS C 34 -11.56 21.63 -27.88
CA CYS C 34 -12.62 22.61 -28.01
C CYS C 34 -12.11 23.96 -27.51
N GLU C 35 -12.14 24.96 -28.38
CA GLU C 35 -11.52 26.25 -28.06
C GLU C 35 -12.56 27.31 -27.68
N SER C 36 -13.73 26.85 -27.22
CA SER C 36 -14.75 27.73 -26.69
C SER C 36 -15.75 26.94 -25.87
N GLY C 37 -16.46 27.62 -24.97
CA GLY C 37 -17.48 26.97 -24.16
C GLY C 37 -18.58 26.36 -25.01
N GLU C 38 -19.06 27.14 -25.98
CA GLU C 38 -20.14 26.69 -26.87
C GLU C 38 -19.74 25.44 -27.64
N MET C 39 -18.49 25.39 -28.09
CA MET C 39 -17.98 24.23 -28.80
C MET C 39 -17.91 23.01 -27.87
N LEU C 40 -17.49 23.23 -26.64
CA LEU C 40 -17.43 22.16 -25.65
C LEU C 40 -18.82 21.59 -25.40
N LEU C 41 -19.77 22.49 -25.13
CA LEU C 41 -21.15 22.09 -24.90
C LEU C 41 -21.70 21.36 -26.12
N GLU C 42 -21.32 21.83 -27.30
CA GLU C 42 -21.77 21.22 -28.55
C GLU C 42 -21.22 19.82 -28.72
N TYR C 43 -19.91 19.67 -28.53
CA TYR C 43 -19.26 18.37 -28.68
C TYR C 43 -19.71 17.37 -27.61
N ALA C 44 -19.79 17.84 -26.37
CA ALA C 44 -20.13 16.97 -25.24
C ALA C 44 -21.54 16.40 -25.35
N GLN C 45 -22.50 17.25 -25.71
CA GLN C 45 -23.90 16.85 -25.79
C GLN C 45 -24.19 15.86 -26.92
N THR C 46 -23.27 15.78 -27.88
CA THR C 46 -23.45 14.86 -29.01
C THR C 46 -22.34 13.82 -29.07
N HIS C 47 -21.48 13.81 -28.05
CA HIS C 47 -20.46 12.79 -27.90
C HIS C 47 -20.30 12.39 -26.44
N ARG C 48 -21.43 12.24 -25.75
CA ARG C 48 -21.46 11.96 -24.32
C ARG C 48 -20.79 10.65 -23.95
N ASP C 49 -20.93 9.64 -24.81
CA ASP C 49 -20.36 8.32 -24.55
C ASP C 49 -18.97 8.17 -25.19
N GLN C 50 -18.42 9.29 -25.64
CA GLN C 50 -17.14 9.27 -26.34
C GLN C 50 -16.12 10.17 -25.67
N ILE C 51 -16.36 10.47 -24.39
CA ILE C 51 -15.43 11.25 -23.59
C ILE C 51 -15.02 10.45 -22.36
N ASP C 52 -13.75 10.09 -22.28
CA ASP C 52 -13.26 9.31 -21.15
C ASP C 52 -12.69 10.22 -20.06
N CYS C 53 -12.14 11.35 -20.49
CA CYS C 53 -11.60 12.32 -19.54
C CYS C 53 -11.73 13.73 -20.09
N LEU C 54 -12.06 14.66 -19.21
CA LEU C 54 -12.11 16.08 -19.56
C LEU C 54 -10.94 16.83 -18.96
N ILE C 55 -10.29 17.65 -19.78
CA ILE C 55 -9.25 18.53 -19.27
C ILE C 55 -9.76 19.96 -19.35
N LEU C 56 -10.20 20.49 -18.21
CA LEU C 56 -10.84 21.80 -18.16
C LEU C 56 -9.94 22.86 -17.55
N VAL C 57 -9.76 23.97 -18.26
CA VAL C 57 -9.05 25.11 -17.71
C VAL C 57 -10.03 25.99 -16.95
N ALA C 58 -9.81 26.12 -15.65
CA ALA C 58 -10.74 26.83 -14.77
C ALA C 58 -10.85 28.32 -15.10
N ALA C 59 -9.81 28.87 -15.72
CA ALA C 59 -9.78 30.30 -16.03
C ALA C 59 -10.59 30.65 -17.28
N ASN C 60 -11.17 29.62 -17.91
CA ASN C 60 -11.98 29.83 -19.10
C ASN C 60 -13.20 30.70 -18.82
N PRO C 61 -13.61 31.51 -19.82
CA PRO C 61 -14.78 32.39 -19.68
C PRO C 61 -16.07 31.59 -19.59
N SER C 62 -16.97 32.02 -18.71
CA SER C 62 -18.24 31.34 -18.47
C SER C 62 -18.02 29.90 -17.99
N PHE C 63 -16.97 29.71 -17.20
CA PHE C 63 -16.59 28.38 -16.75
C PHE C 63 -17.67 27.77 -15.86
N ARG C 64 -18.17 28.54 -14.90
CA ARG C 64 -19.24 28.08 -14.02
C ARG C 64 -20.49 27.72 -14.83
N ALA C 65 -20.82 28.56 -15.81
CA ALA C 65 -21.99 28.34 -16.65
C ALA C 65 -21.88 27.04 -17.45
N VAL C 66 -20.75 26.87 -18.16
CA VAL C 66 -20.54 25.70 -19.01
C VAL C 66 -20.58 24.41 -18.21
N VAL C 67 -19.82 24.37 -17.11
CA VAL C 67 -19.76 23.20 -16.26
C VAL C 67 -21.15 22.87 -15.70
N GLN C 68 -21.89 23.91 -15.35
CA GLN C 68 -23.24 23.73 -14.82
C GLN C 68 -24.17 23.10 -15.85
N GLN C 69 -24.09 23.56 -17.09
CA GLN C 69 -24.91 22.98 -18.16
C GLN C 69 -24.47 21.56 -18.47
N LEU C 70 -23.16 21.32 -18.43
CA LEU C 70 -22.62 19.98 -18.56
C LEU C 70 -23.17 19.08 -17.48
N CYS C 71 -23.27 19.64 -16.29
CA CYS C 71 -23.67 18.90 -15.11
C CYS C 71 -25.14 18.53 -15.15
N PHE C 72 -25.99 19.49 -15.54
CA PHE C 72 -27.43 19.25 -15.64
C PHE C 72 -27.78 18.27 -16.76
N GLU C 73 -26.97 18.25 -17.81
CA GLU C 73 -27.19 17.33 -18.92
C GLU C 73 -26.79 15.90 -18.56
N GLY C 74 -26.07 15.76 -17.45
CA GLY C 74 -25.66 14.45 -17.00
C GLY C 74 -24.29 14.04 -17.52
N VAL C 75 -23.65 14.95 -18.24
CA VAL C 75 -22.29 14.70 -18.72
C VAL C 75 -21.30 14.87 -17.56
N VAL C 76 -21.21 13.83 -16.75
CA VAL C 76 -20.28 13.81 -15.61
C VAL C 76 -19.23 12.75 -15.84
N VAL C 77 -18.05 13.17 -16.30
CA VAL C 77 -16.98 12.26 -16.66
C VAL C 77 -15.72 12.58 -15.86
N PRO C 78 -14.75 11.63 -15.82
CA PRO C 78 -13.44 11.91 -15.21
C PRO C 78 -12.85 13.22 -15.72
N ALA C 79 -12.28 14.00 -14.81
CA ALA C 79 -11.84 15.34 -15.19
C ALA C 79 -10.61 15.81 -14.44
N ILE C 80 -9.82 16.61 -15.14
CA ILE C 80 -8.67 17.29 -14.55
C ILE C 80 -8.84 18.79 -14.76
N VAL C 81 -8.93 19.52 -13.65
CA VAL C 81 -9.06 20.97 -13.72
C VAL C 81 -7.69 21.63 -13.68
N VAL C 82 -7.40 22.43 -14.70
CA VAL C 82 -6.11 23.10 -14.82
C VAL C 82 -6.19 24.57 -14.42
N GLY C 83 -5.27 24.99 -13.56
CA GLY C 83 -5.20 26.38 -13.13
C GLY C 83 -6.30 26.75 -12.16
N ASP C 84 -6.49 28.05 -11.96
CA ASP C 84 -7.53 28.54 -11.04
C ASP C 84 -8.56 29.40 -11.77
N ARG C 85 -9.45 30.01 -11.01
CA ARG C 85 -10.54 30.81 -11.56
C ARG C 85 -10.05 32.22 -11.93
N ASP C 86 -10.80 32.89 -12.79
CA ASP C 86 -10.44 34.23 -13.25
C ASP C 86 -11.10 35.31 -12.39
N SER C 87 -11.52 34.92 -11.19
CA SER C 87 -12.16 35.86 -10.27
C SER C 87 -11.59 35.76 -8.85
N GLU C 88 -10.42 36.35 -8.61
CA GLU C 88 -9.66 37.07 -9.62
C GLU C 88 -8.16 36.81 -9.44
N ASP C 89 -7.85 35.72 -8.74
CA ASP C 89 -6.47 35.36 -8.44
C ASP C 89 -5.69 34.93 -9.70
N PRO C 90 -4.35 34.98 -9.64
CA PRO C 90 -3.50 34.47 -10.73
C PRO C 90 -3.64 32.97 -10.97
N ASP C 91 -2.65 32.37 -11.61
CA ASP C 91 -2.76 30.98 -12.03
C ASP C 91 -1.99 30.01 -11.13
N GLU C 92 -2.75 29.24 -10.36
CA GLU C 92 -2.22 28.18 -9.51
C GLU C 92 -3.26 27.07 -9.44
N PRO C 93 -2.89 25.88 -8.92
CA PRO C 93 -3.88 24.80 -8.77
C PRO C 93 -5.15 25.26 -8.05
N ALA C 94 -6.31 24.81 -8.54
CA ALA C 94 -7.59 25.19 -7.96
C ALA C 94 -7.71 24.74 -6.50
N LYS C 95 -8.59 25.40 -5.75
CA LYS C 95 -8.71 25.15 -4.32
C LYS C 95 -9.99 24.39 -3.94
N GLU C 96 -11.14 24.85 -4.43
CA GLU C 96 -12.39 24.16 -4.15
C GLU C 96 -12.83 23.30 -5.34
N GLN C 97 -13.75 22.36 -5.08
CA GLN C 97 -14.29 21.52 -6.14
C GLN C 97 -15.10 22.34 -7.13
N LEU C 98 -14.75 22.27 -8.41
CA LEU C 98 -15.39 23.09 -9.43
C LEU C 98 -16.31 22.30 -10.35
N TYR C 99 -16.09 21.00 -10.45
CA TYR C 99 -16.89 20.14 -11.33
C TYR C 99 -17.59 19.05 -10.52
N HIS C 100 -16.81 18.05 -10.11
CA HIS C 100 -17.34 16.98 -9.27
C HIS C 100 -16.28 16.55 -8.27
N SER C 101 -16.67 15.71 -7.31
CA SER C 101 -15.81 15.43 -6.17
C SER C 101 -14.65 14.48 -6.47
N ALA C 102 -14.64 13.91 -7.68
CA ALA C 102 -13.55 13.02 -8.07
C ALA C 102 -12.56 13.70 -9.03
N GLU C 103 -12.65 15.02 -9.13
CA GLU C 103 -11.81 15.76 -10.08
C GLU C 103 -10.37 15.88 -9.59
N LEU C 104 -9.46 16.22 -10.51
CA LEU C 104 -8.06 16.45 -10.19
C LEU C 104 -7.65 17.90 -10.45
N HIS C 105 -6.80 18.44 -9.57
CA HIS C 105 -6.33 19.80 -9.72
C HIS C 105 -4.85 19.87 -10.10
N LEU C 106 -4.55 20.50 -11.22
CA LEU C 106 -3.18 20.67 -11.67
C LEU C 106 -2.89 22.13 -12.04
N GLY C 107 -1.71 22.60 -11.68
CA GLY C 107 -1.27 23.92 -12.09
C GLY C 107 -0.85 23.88 -13.54
N ILE C 108 -0.65 25.06 -14.14
CA ILE C 108 -0.31 25.15 -15.55
C ILE C 108 1.10 24.65 -15.83
N HIS C 109 1.88 24.41 -14.78
CA HIS C 109 3.26 23.97 -14.92
C HIS C 109 3.44 22.54 -14.41
N GLN C 110 2.33 21.83 -14.25
CA GLN C 110 2.35 20.45 -13.79
C GLN C 110 1.71 19.54 -14.83
N LEU C 111 1.84 19.91 -16.10
CA LEU C 111 1.22 19.18 -17.18
C LEU C 111 2.19 18.22 -17.85
N GLU C 112 3.43 18.23 -17.39
CA GLU C 112 4.47 17.42 -18.03
C GLU C 112 4.21 15.92 -17.83
N GLN C 113 3.80 15.53 -16.64
CA GLN C 113 3.50 14.13 -16.37
C GLN C 113 2.00 13.88 -16.36
N LEU C 114 1.30 14.58 -17.26
CA LEU C 114 -0.14 14.46 -17.44
C LEU C 114 -0.68 13.04 -17.66
N PRO C 115 0.08 12.17 -18.38
CA PRO C 115 -0.41 10.79 -18.53
C PRO C 115 -0.71 10.08 -17.20
N TYR C 116 0.14 10.28 -16.20
CA TYR C 116 -0.08 9.69 -14.88
C TYR C 116 -1.28 10.32 -14.18
N GLN C 117 -1.54 11.59 -14.48
CA GLN C 117 -2.65 12.29 -13.83
C GLN C 117 -3.98 11.90 -14.46
N VAL C 118 -3.97 11.62 -15.76
CA VAL C 118 -5.14 11.08 -16.45
C VAL C 118 -5.53 9.72 -15.88
N ASP C 119 -4.53 8.91 -15.56
CA ASP C 119 -4.77 7.62 -14.90
C ASP C 119 -5.41 7.83 -13.54
N ALA C 120 -4.97 8.87 -12.85
CA ALA C 120 -5.48 9.15 -11.50
C ALA C 120 -6.93 9.63 -11.55
N ALA C 121 -7.24 10.48 -12.52
CA ALA C 121 -8.59 11.00 -12.69
C ALA C 121 -9.56 9.87 -13.00
N LEU C 122 -9.19 9.05 -13.98
CA LEU C 122 -10.00 7.90 -14.35
C LEU C 122 -10.24 6.95 -13.17
N ALA C 123 -9.16 6.62 -12.47
CA ALA C 123 -9.24 5.68 -11.35
C ALA C 123 -10.08 6.24 -10.20
N GLU C 124 -9.99 7.54 -9.96
CA GLU C 124 -10.69 8.16 -8.85
C GLU C 124 -12.18 8.26 -9.14
N PHE C 125 -12.50 8.49 -10.41
CA PHE C 125 -13.90 8.50 -10.83
C PHE C 125 -14.50 7.11 -10.62
N LEU C 126 -13.77 6.07 -11.01
CA LEU C 126 -14.24 4.70 -10.83
C LEU C 126 -14.49 4.38 -9.36
N ARG C 127 -13.61 4.89 -8.50
CA ARG C 127 -13.70 4.63 -7.07
C ARG C 127 -14.88 5.34 -6.41
N LEU C 128 -15.22 6.52 -6.91
CA LEU C 128 -16.22 7.37 -6.27
C LEU C 128 -17.56 7.41 -7.00
N ALA C 129 -17.61 6.83 -8.20
CA ALA C 129 -18.85 6.84 -8.97
C ALA C 129 -19.94 6.05 -8.25
N PRO C 130 -21.17 6.59 -8.23
CA PRO C 130 -21.54 7.87 -8.85
C PRO C 130 -21.06 9.07 -8.05
N VAL C 131 -20.47 10.03 -8.73
CA VAL C 131 -19.75 11.11 -8.07
C VAL C 131 -20.64 12.33 -7.79
N GLU C 132 -20.48 12.90 -6.60
CA GLU C 132 -21.10 14.15 -6.24
C GLU C 132 -20.58 15.28 -7.12
N THR C 133 -21.50 16.03 -7.73
CA THR C 133 -21.09 17.11 -8.61
C THR C 133 -21.39 18.48 -8.03
N MET C 134 -20.80 19.52 -8.62
CA MET C 134 -20.86 20.86 -8.06
C MET C 134 -21.70 21.82 -8.90
N ALA C 135 -22.94 21.43 -9.17
CA ALA C 135 -23.86 22.26 -9.97
C ALA C 135 -25.27 21.69 -9.95
N ASP C 136 -25.48 20.59 -10.67
CA ASP C 136 -26.79 19.96 -10.77
C ASP C 136 -27.35 19.53 -9.41
N HIS C 137 -26.46 19.53 -8.44
CA HIS C 137 -26.85 19.18 -7.12
C HIS C 137 -27.84 20.28 -6.85
N ILE C 138 -27.45 21.49 -7.20
CA ILE C 138 -28.31 22.65 -7.05
C ILE C 138 -29.06 22.63 -5.73
N MET C 139 -28.50 23.26 -4.71
CA MET C 139 -27.21 23.96 -4.76
C MET C 139 -27.15 24.68 -3.44
N LEU C 140 -27.84 25.81 -3.38
CA LEU C 140 -27.92 26.59 -2.16
C LEU C 140 -29.21 25.99 -1.59
N MET C 141 -29.75 25.04 -2.34
CA MET C 141 -31.00 24.35 -1.95
C MET C 141 -32.21 24.88 -2.69
N GLY C 142 -31.90 25.28 -3.90
CA GLY C 142 -32.77 25.80 -4.91
C GLY C 142 -33.05 24.71 -5.94
N ALA C 143 -33.43 23.54 -5.47
CA ALA C 143 -33.71 22.43 -6.37
C ALA C 143 -35.09 22.65 -7.03
N ASN C 144 -35.42 21.78 -7.98
CA ASN C 144 -36.71 21.84 -8.68
C ASN C 144 -37.35 20.46 -8.81
N HIS C 145 -36.57 19.49 -9.28
CA HIS C 145 -37.06 18.10 -9.44
C HIS C 145 -36.10 17.20 -10.26
N ASP C 146 -36.67 16.25 -10.98
CA ASP C 146 -35.89 15.32 -11.79
C ASP C 146 -34.67 16.04 -12.41
N PRO C 147 -33.71 15.29 -13.11
CA PRO C 147 -33.95 13.84 -13.21
C PRO C 147 -33.10 13.07 -12.19
N GLU C 148 -33.05 11.75 -12.34
CA GLU C 148 -32.27 10.91 -11.43
C GLU C 148 -31.38 9.94 -12.19
N LEU C 149 -31.19 10.20 -13.48
CA LEU C 149 -30.37 9.35 -14.32
C LEU C 149 -29.05 9.00 -13.63
N SER C 150 -29.14 8.14 -12.61
CA SER C 150 -27.96 7.72 -11.86
C SER C 150 -27.23 6.60 -12.60
N SER C 151 -27.94 5.96 -13.52
CA SER C 151 -27.37 4.92 -14.36
C SER C 151 -26.23 5.47 -15.21
N GLN C 152 -26.32 6.74 -15.61
CA GLN C 152 -25.33 7.34 -16.51
C GLN C 152 -23.92 7.24 -15.95
N GLN C 153 -23.72 7.71 -14.73
CA GLN C 153 -22.41 7.65 -14.10
C GLN C 153 -21.97 6.22 -13.81
N ARG C 154 -22.96 5.33 -13.62
CA ARG C 154 -22.65 3.93 -13.34
C ARG C 154 -22.35 3.17 -14.63
N ASP C 155 -23.10 3.47 -15.68
CA ASP C 155 -22.87 2.85 -16.98
C ASP C 155 -21.47 3.20 -17.48
N LEU C 156 -21.07 4.45 -17.25
CA LEU C 156 -19.76 4.91 -17.66
C LEU C 156 -18.67 4.27 -16.81
N ALA C 157 -18.88 4.22 -15.50
CA ALA C 157 -17.91 3.68 -14.57
C ALA C 157 -17.62 2.20 -14.84
N GLN C 158 -18.68 1.44 -15.10
CA GLN C 158 -18.52 0.02 -15.42
C GLN C 158 -17.88 -0.15 -16.80
N ARG C 159 -18.27 0.69 -17.75
CA ARG C 159 -17.71 0.64 -19.08
C ARG C 159 -16.19 0.91 -19.06
N LEU C 160 -15.77 1.85 -18.22
CA LEU C 160 -14.36 2.21 -18.12
C LEU C 160 -13.53 1.13 -17.46
N GLN C 161 -14.07 0.45 -16.46
CA GLN C 161 -13.35 -0.64 -15.80
C GLN C 161 -13.33 -1.88 -16.69
N GLU C 162 -14.23 -1.94 -17.67
CA GLU C 162 -14.22 -3.01 -18.66
C GLU C 162 -13.26 -2.69 -19.78
N ARG C 163 -12.64 -1.51 -19.70
CA ARG C 163 -11.69 -1.07 -20.71
C ARG C 163 -10.34 -0.73 -20.08
N LEU C 164 -10.38 -0.19 -18.87
CA LEU C 164 -9.16 0.22 -18.18
C LEU C 164 -8.83 -0.72 -17.03
N GLY C 165 -9.32 -1.95 -17.12
CA GLY C 165 -9.11 -2.92 -16.05
C GLY C 165 -8.52 -4.24 -16.52
N TYR C 166 -8.03 -5.02 -15.56
CA TYR C 166 -7.56 -6.37 -15.85
C TYR C 166 -7.85 -7.28 -14.66
N LEU C 167 -7.76 -8.58 -14.88
CA LEU C 167 -8.09 -9.55 -13.84
C LEU C 167 -6.83 -10.22 -13.31
N GLY C 168 -6.72 -10.26 -11.99
CA GLY C 168 -5.60 -10.90 -11.33
C GLY C 168 -6.03 -11.65 -10.09
N VAL C 169 -5.24 -12.66 -9.72
CA VAL C 169 -5.52 -13.44 -8.52
C VAL C 169 -5.10 -12.70 -7.26
N TYR C 170 -5.94 -12.72 -6.24
CA TYR C 170 -5.61 -12.12 -4.96
C TYR C 170 -5.98 -13.04 -3.80
N TYR C 171 -5.16 -13.03 -2.75
CA TYR C 171 -5.42 -13.86 -1.58
C TYR C 171 -6.75 -13.49 -0.93
N LYS C 172 -7.65 -14.46 -0.84
CA LYS C 172 -8.98 -14.22 -0.31
C LYS C 172 -8.93 -13.96 1.19
N ARG C 173 -8.66 -12.72 1.56
CA ARG C 173 -8.67 -12.31 2.96
C ARG C 173 -10.06 -12.52 3.54
N ASP C 174 -10.13 -12.70 4.86
CA ASP C 174 -11.40 -12.86 5.55
C ASP C 174 -11.97 -11.50 5.90
N PRO C 175 -13.00 -11.06 5.15
CA PRO C 175 -13.60 -9.74 5.40
C PRO C 175 -14.29 -9.69 6.76
N ASP C 176 -14.71 -10.85 7.25
CA ASP C 176 -15.36 -10.94 8.55
C ASP C 176 -14.35 -10.75 9.68
N ARG C 177 -13.07 -10.89 9.35
CA ARG C 177 -12.01 -10.66 10.32
C ARG C 177 -11.33 -9.31 10.10
N PHE C 178 -11.88 -8.49 9.22
CA PHE C 178 -11.41 -7.12 9.04
C PHE C 178 -11.70 -6.31 10.29
N LEU C 179 -10.93 -5.26 10.50
CA LEU C 179 -11.09 -4.42 11.68
C LEU C 179 -12.45 -3.70 11.71
N ARG C 180 -12.92 -3.27 10.54
CA ARG C 180 -14.14 -2.48 10.47
C ARG C 180 -15.40 -3.34 10.48
N ASN C 181 -15.23 -4.65 10.57
CA ASN C 181 -16.36 -5.56 10.56
C ASN C 181 -16.55 -6.29 11.89
N LEU C 182 -15.46 -6.48 12.63
CA LEU C 182 -15.53 -7.10 13.94
C LEU C 182 -16.45 -6.33 14.88
N PRO C 183 -17.19 -7.06 15.74
CA PRO C 183 -18.05 -6.42 16.74
C PRO C 183 -17.25 -5.55 17.69
N ALA C 184 -17.89 -4.56 18.31
CA ALA C 184 -17.23 -3.52 19.10
C ALA C 184 -16.22 -4.07 20.11
N TYR C 185 -16.54 -5.21 20.70
CA TYR C 185 -15.64 -5.82 21.69
C TYR C 185 -14.41 -6.40 21.01
N GLU C 186 -14.61 -7.25 20.02
CA GLU C 186 -13.51 -7.90 19.31
C GLU C 186 -12.70 -6.87 18.53
N SER C 187 -13.33 -5.75 18.20
CA SER C 187 -12.68 -4.66 17.50
C SER C 187 -11.56 -4.04 18.34
N GLN C 188 -11.87 -3.72 19.58
CA GLN C 188 -10.88 -3.12 20.47
C GLN C 188 -9.92 -4.17 21.01
N LYS C 189 -10.33 -5.42 20.97
CA LYS C 189 -9.46 -6.52 21.41
C LYS C 189 -8.27 -6.68 20.47
N LEU C 190 -8.54 -6.70 19.17
CA LEU C 190 -7.49 -6.78 18.17
C LEU C 190 -6.68 -5.49 18.14
N HIS C 191 -7.33 -4.40 18.52
CA HIS C 191 -6.67 -3.10 18.61
C HIS C 191 -5.56 -3.11 19.66
N GLN C 192 -5.81 -3.82 20.76
CA GLN C 192 -4.84 -3.92 21.84
C GLN C 192 -3.73 -4.90 21.48
N ALA C 193 -4.09 -5.97 20.77
CA ALA C 193 -3.12 -6.95 20.30
C ALA C 193 -2.12 -6.29 19.36
N MET C 194 -2.60 -5.32 18.59
CA MET C 194 -1.73 -4.57 17.68
C MET C 194 -0.95 -3.50 18.43
N GLN C 195 -1.56 -2.94 19.48
CA GLN C 195 -0.88 -1.95 20.32
C GLN C 195 0.30 -2.60 21.04
N THR C 196 0.13 -3.86 21.42
CA THR C 196 1.19 -4.61 22.07
C THR C 196 2.31 -4.92 21.08
N SER C 197 1.92 -5.29 19.86
CA SER C 197 2.88 -5.61 18.81
C SER C 197 3.69 -4.38 18.39
N TYR C 198 3.02 -3.23 18.33
CA TYR C 198 3.70 -2.00 17.95
C TYR C 198 4.68 -1.54 19.02
N ARG C 199 4.31 -1.76 20.29
CA ARG C 199 5.19 -1.41 21.41
C ARG C 199 6.43 -2.29 21.39
N GLU C 200 6.25 -3.53 20.96
CA GLU C 200 7.36 -4.47 20.78
C GLU C 200 8.36 -3.90 19.77
N ILE C 201 7.85 -3.15 18.79
CA ILE C 201 8.67 -2.57 17.73
C ILE C 201 9.42 -1.32 18.21
N VAL C 202 8.71 -0.43 18.87
CA VAL C 202 9.28 0.82 19.37
C VAL C 202 10.44 0.60 20.32
N LEU C 203 10.30 -0.40 21.21
CA LEU C 203 11.36 -0.72 22.16
C LEU C 203 12.55 -1.38 21.49
N SER C 204 12.28 -2.34 20.60
CA SER C 204 13.34 -3.07 19.91
C SER C 204 14.00 -2.20 18.84
N TYR C 205 13.36 -1.09 18.52
CA TYR C 205 13.95 -0.10 17.63
C TYR C 205 15.19 0.48 18.30
N PHE C 206 16.25 0.68 17.54
CA PHE C 206 17.53 1.20 18.04
C PHE C 206 18.20 0.31 19.08
N SER C 207 18.35 -1.00 18.83
CA SER C 207 19.01 -1.82 19.84
C SER C 207 20.40 -2.36 19.40
N PRO C 208 20.42 -3.43 18.61
CA PRO C 208 19.20 -4.10 18.18
C PRO C 208 19.21 -5.58 18.58
N ASN C 209 18.41 -5.93 19.59
CA ASN C 209 18.32 -7.30 20.08
C ASN C 209 18.57 -8.41 19.04
N SER C 210 17.60 -8.70 18.17
CA SER C 210 16.28 -8.07 18.12
C SER C 210 15.48 -8.67 16.99
N ASN C 211 16.01 -8.55 15.78
CA ASN C 211 15.37 -9.05 14.58
C ASN C 211 14.19 -8.15 14.39
N LEU C 212 14.48 -6.94 13.95
CA LEU C 212 13.48 -5.91 13.77
C LEU C 212 12.59 -6.21 12.56
N ASN C 213 13.11 -7.00 11.63
CA ASN C 213 12.32 -7.44 10.48
C ASN C 213 11.15 -8.31 10.92
N GLN C 214 11.40 -9.20 11.87
CA GLN C 214 10.37 -10.10 12.39
C GLN C 214 9.29 -9.37 13.17
N SER C 215 9.70 -8.49 14.07
CA SER C 215 8.77 -7.76 14.92
C SER C 215 7.87 -6.84 14.11
N ILE C 216 8.42 -6.20 13.07
CA ILE C 216 7.63 -5.31 12.23
C ILE C 216 6.73 -6.09 11.28
N ASP C 217 7.27 -7.15 10.68
CA ASP C 217 6.50 -7.99 9.76
C ASP C 217 5.33 -8.64 10.48
N ASN C 218 5.49 -8.89 11.78
CA ASN C 218 4.42 -9.46 12.60
C ASN C 218 3.24 -8.48 12.72
N PHE C 219 3.56 -7.21 12.91
CA PHE C 219 2.56 -6.16 13.01
C PHE C 219 1.89 -5.89 11.67
N VAL C 220 2.70 -5.82 10.61
CA VAL C 220 2.21 -5.50 9.27
C VAL C 220 1.26 -6.58 8.73
N ASN C 221 1.50 -7.83 9.12
CA ASN C 221 0.61 -8.92 8.74
C ASN C 221 -0.81 -8.71 9.28
N MET C 222 -0.91 -8.23 10.51
CA MET C 222 -2.21 -7.97 11.11
C MET C 222 -2.89 -6.77 10.45
N ALA C 223 -2.12 -5.72 10.20
CA ALA C 223 -2.67 -4.51 9.59
C ALA C 223 -3.16 -4.77 8.17
N PHE C 224 -2.54 -5.75 7.52
CA PHE C 224 -2.85 -6.06 6.13
C PHE C 224 -4.05 -6.99 6.02
N PHE C 225 -3.99 -8.12 6.70
CA PHE C 225 -5.04 -9.14 6.58
C PHE C 225 -6.30 -8.79 7.37
N ALA C 226 -6.24 -7.70 8.12
CA ALA C 226 -7.43 -7.18 8.77
C ALA C 226 -7.87 -5.90 8.09
N ASP C 227 -7.21 -5.59 6.98
CA ASP C 227 -7.46 -4.37 6.21
C ASP C 227 -7.52 -3.13 7.12
N VAL C 228 -6.57 -3.06 8.05
CA VAL C 228 -6.50 -1.93 8.96
C VAL C 228 -6.01 -0.69 8.23
N PRO C 229 -6.82 0.39 8.26
CA PRO C 229 -6.47 1.66 7.64
C PRO C 229 -5.15 2.22 8.18
N VAL C 230 -4.43 2.96 7.35
CA VAL C 230 -3.15 3.55 7.75
C VAL C 230 -3.33 4.56 8.88
N THR C 231 -4.53 5.12 8.97
CA THR C 231 -4.83 6.10 10.00
C THR C 231 -4.82 5.47 11.39
N LYS C 232 -5.10 4.18 11.46
CA LYS C 232 -5.10 3.47 12.74
C LYS C 232 -3.70 3.24 13.25
N VAL C 233 -2.78 2.94 12.33
CA VAL C 233 -1.38 2.73 12.68
C VAL C 233 -0.76 3.98 13.28
N VAL C 234 -1.01 5.12 12.63
CA VAL C 234 -0.55 6.41 13.14
C VAL C 234 -1.21 6.70 14.49
N GLU C 235 -2.47 6.32 14.61
CA GLU C 235 -3.21 6.51 15.85
C GLU C 235 -2.57 5.71 16.98
N ILE C 236 -2.16 4.48 16.67
CA ILE C 236 -1.48 3.63 17.65
C ILE C 236 -0.15 4.24 18.07
N HIS C 237 0.54 4.86 17.11
CA HIS C 237 1.82 5.49 17.36
C HIS C 237 1.70 6.65 18.34
N MET C 238 0.80 7.58 18.05
CA MET C 238 0.62 8.76 18.89
C MET C 238 0.06 8.40 20.27
N GLU C 239 -0.75 7.34 20.34
CA GLU C 239 -1.24 6.84 21.62
C GLU C 239 -0.07 6.40 22.49
N LEU C 240 0.85 5.65 21.89
CA LEU C 240 2.03 5.18 22.60
C LEU C 240 2.98 6.34 22.89
N MET C 241 3.09 7.26 21.95
CA MET C 241 3.93 8.45 22.12
C MET C 241 3.39 9.34 23.24
N ASP C 242 2.07 9.37 23.37
CA ASP C 242 1.41 10.12 24.44
C ASP C 242 1.85 9.57 25.79
N GLU C 243 1.92 8.24 25.89
CA GLU C 243 2.37 7.58 27.10
C GLU C 243 3.85 7.88 27.38
N PHE C 244 4.67 7.89 26.32
CA PHE C 244 6.10 8.11 26.49
C PHE C 244 6.41 9.57 26.76
N ALA C 245 5.57 10.47 26.24
CA ALA C 245 5.71 11.89 26.51
C ALA C 245 5.50 12.15 28.00
N LYS C 246 4.64 11.34 28.62
CA LYS C 246 4.39 11.43 30.04
C LYS C 246 5.59 10.94 30.85
N LYS C 247 6.15 9.81 30.45
CA LYS C 247 7.30 9.21 31.14
C LYS C 247 8.47 10.18 31.25
N LEU C 248 8.87 10.74 30.11
CA LEU C 248 10.00 11.64 30.04
C LEU C 248 9.75 12.92 30.84
N ARG C 249 8.49 13.33 30.90
CA ARG C 249 8.09 14.54 31.60
C ARG C 249 7.98 14.28 33.11
N VAL C 250 8.50 13.14 33.55
CA VAL C 250 8.45 12.78 34.96
C VAL C 250 9.84 12.36 35.44
N GLU C 251 10.56 11.66 34.58
CA GLU C 251 11.95 11.30 34.85
C GLU C 251 12.87 12.45 34.47
N GLY C 252 12.26 13.61 34.24
CA GLY C 252 13.00 14.82 33.93
C GLY C 252 13.79 14.78 32.64
N ARG C 253 13.37 13.91 31.71
CA ARG C 253 14.05 13.78 30.42
C ARG C 253 13.37 14.62 29.35
N SER C 254 14.03 14.80 28.21
CA SER C 254 13.51 15.63 27.13
C SER C 254 12.55 14.87 26.23
N GLU C 255 11.59 15.58 25.66
CA GLU C 255 10.68 15.01 24.68
C GLU C 255 11.33 15.02 23.30
N ASP C 256 12.61 15.40 23.26
CA ASP C 256 13.38 15.42 22.03
C ASP C 256 13.61 14.01 21.50
N ILE C 257 13.43 13.01 22.36
CA ILE C 257 13.62 11.62 21.96
C ILE C 257 12.46 11.15 21.09
N LEU C 258 11.30 11.77 21.27
CA LEU C 258 10.11 11.43 20.49
C LEU C 258 10.30 11.70 19.00
N LEU C 259 11.18 12.63 18.66
CA LEU C 259 11.45 12.96 17.27
C LEU C 259 12.05 11.77 16.54
N ASP C 260 12.93 11.05 17.23
CA ASP C 260 13.63 9.92 16.64
C ASP C 260 12.73 8.71 16.40
N TYR C 261 11.57 8.70 17.04
CA TYR C 261 10.63 7.60 16.86
C TYR C 261 9.69 7.85 15.71
N ARG C 262 9.81 9.02 15.08
CA ARG C 262 9.12 9.28 13.83
C ARG C 262 9.69 8.35 12.76
N LEU C 263 10.95 7.98 12.93
CA LEU C 263 11.60 7.01 12.05
C LEU C 263 10.93 5.66 12.16
N THR C 264 10.51 5.30 13.37
CA THR C 264 9.81 4.04 13.57
C THR C 264 8.51 4.02 12.77
N LEU C 265 7.77 5.12 12.81
CA LEU C 265 6.49 5.20 12.10
C LEU C 265 6.71 5.18 10.60
N ILE C 266 7.79 5.81 10.15
CA ILE C 266 8.17 5.76 8.74
C ILE C 266 8.47 4.33 8.34
N ASP C 267 9.22 3.64 9.19
CA ASP C 267 9.65 2.29 8.91
C ASP C 267 8.47 1.32 8.76
N VAL C 268 7.51 1.42 9.67
CA VAL C 268 6.37 0.50 9.66
C VAL C 268 5.43 0.76 8.48
N ILE C 269 5.08 2.03 8.26
CA ILE C 269 4.20 2.40 7.16
C ILE C 269 4.84 2.03 5.80
N ALA C 270 6.16 2.18 5.72
CA ALA C 270 6.88 1.79 4.51
C ALA C 270 6.74 0.30 4.26
N HIS C 271 6.84 -0.49 5.33
CA HIS C 271 6.66 -1.93 5.26
C HIS C 271 5.24 -2.30 4.86
N LEU C 272 4.28 -1.62 5.48
CA LEU C 272 2.88 -1.86 5.17
C LEU C 272 2.61 -1.52 3.71
N CYS C 273 3.22 -0.42 3.25
CA CYS C 273 3.02 0.05 1.88
C CYS C 273 3.53 -0.98 0.87
N GLU C 274 4.67 -1.58 1.15
CA GLU C 274 5.24 -2.58 0.24
C GLU C 274 4.47 -3.89 0.29
N MET C 275 3.81 -4.17 1.41
CA MET C 275 2.95 -5.34 1.51
C MET C 275 1.80 -5.25 0.51
N TYR C 276 1.17 -4.08 0.45
CA TYR C 276 0.08 -3.86 -0.49
C TYR C 276 0.61 -3.83 -1.93
N ARG C 277 1.74 -3.16 -2.11
CA ARG C 277 2.35 -3.02 -3.43
C ARG C 277 2.77 -4.37 -4.02
N ARG C 278 3.38 -5.22 -3.20
CA ARG C 278 3.80 -6.55 -3.63
C ARG C 278 2.62 -7.43 -4.05
N SER C 279 1.50 -7.25 -3.35
CA SER C 279 0.32 -8.10 -3.54
C SER C 279 -0.44 -7.75 -4.81
N ILE C 280 -0.13 -6.59 -5.39
CA ILE C 280 -0.74 -6.18 -6.64
C ILE C 280 -0.30 -7.12 -7.76
N PRO C 281 -1.26 -7.84 -8.37
CA PRO C 281 -0.95 -8.81 -9.42
C PRO C 281 -0.46 -8.11 -10.69
N ARG C 282 0.84 -8.18 -10.95
CA ARG C 282 1.40 -7.52 -12.13
C ARG C 282 1.65 -8.53 -13.24
N GLU C 283 1.39 -8.11 -14.48
CA GLU C 283 1.51 -8.99 -15.64
C GLU C 283 2.68 -8.58 -16.53
N THR C 284 3.81 -8.28 -15.91
CA THR C 284 5.03 -7.90 -16.63
C THR C 284 6.28 -8.20 -15.81
N ASP D 1 23.88 13.80 6.29
CA ASP D 1 24.74 13.45 7.40
C ASP D 1 24.11 12.37 8.28
N GLU D 2 23.61 12.79 9.44
CA GLU D 2 22.96 11.88 10.38
C GLU D 2 21.55 11.49 9.90
N LYS D 3 20.86 12.47 9.33
CA LYS D 3 19.50 12.26 8.83
C LYS D 3 19.52 11.31 7.65
N SER D 4 20.50 11.49 6.77
CA SER D 4 20.72 10.59 5.65
C SER D 4 21.06 9.18 6.14
N GLU D 5 21.83 9.11 7.22
CA GLU D 5 22.24 7.84 7.80
C GLU D 5 21.07 7.06 8.38
N LEU D 6 20.18 7.76 9.08
CA LEU D 6 19.06 7.11 9.73
C LEU D 6 17.92 6.84 8.75
N SER D 7 17.92 7.54 7.62
CA SER D 7 16.95 7.25 6.58
C SER D 7 17.42 6.07 5.74
N ARG D 8 18.74 5.85 5.72
CA ARG D 8 19.32 4.73 4.96
C ARG D 8 19.02 3.39 5.64
N ILE D 9 18.95 3.40 6.97
CA ILE D 9 18.67 2.17 7.72
C ILE D 9 17.24 1.70 7.47
N VAL D 10 16.35 2.62 7.11
CA VAL D 10 14.97 2.27 6.78
C VAL D 10 14.93 1.58 5.42
N ARG D 11 15.76 2.06 4.49
CA ARG D 11 15.88 1.43 3.18
C ARG D 11 16.41 0.01 3.28
N GLY D 12 17.41 -0.17 4.13
CA GLY D 12 18.10 -1.44 4.28
C GLY D 12 17.21 -2.66 4.39
N VAL D 13 16.18 -2.58 5.22
CA VAL D 13 15.30 -3.71 5.43
C VAL D 13 14.40 -3.97 4.23
N GLN D 14 13.98 -2.90 3.56
CA GLN D 14 13.19 -3.03 2.35
C GLN D 14 13.96 -3.79 1.29
N GLU D 15 15.28 -3.57 1.25
CA GLU D 15 16.14 -4.34 0.37
C GLU D 15 16.11 -5.82 0.77
N LYS D 16 16.34 -6.09 2.05
CA LYS D 16 16.42 -7.46 2.54
C LYS D 16 15.37 -7.75 3.62
N GLY D 17 14.10 -7.74 3.23
CA GLY D 17 13.03 -8.07 4.15
C GLY D 17 12.61 -9.51 4.01
N PRO D 18 11.31 -9.78 4.10
CA PRO D 18 10.77 -11.13 3.87
C PRO D 18 10.46 -11.35 2.40
N GLU D 19 10.99 -10.49 1.54
CA GLU D 19 10.72 -10.55 0.11
C GLU D 19 11.98 -10.48 -0.73
N SER D 20 11.81 -10.56 -2.05
CA SER D 20 12.92 -10.53 -2.99
C SER D 20 13.05 -9.15 -3.63
S1 52M E . -11.96 25.71 -0.48
C21 52M E . -10.81 24.67 0.13
N1 52M E . -11.16 23.26 0.30
C17 52M E . -10.26 22.23 0.84
C18 52M E . -8.86 22.30 0.68
C19 52M E . -8.04 21.29 1.22
C20 52M E . -6.52 21.39 1.04
O4 52M E . -5.76 21.71 2.01
O5 52M E . -5.99 21.15 -0.09
C16 52M E . -10.81 21.16 1.52
C15 52M E . -10.01 20.15 2.05
C14 52M E . -8.62 20.21 1.91
C10 52M E . -7.79 19.17 2.46
C9 52M E . -7.70 19.21 3.87
C4 52M E . -7.20 18.12 4.56
O2 52M E . -6.78 16.97 3.87
C5 52M E . -7.10 18.14 5.97
C8 52M E . -8.10 20.35 4.59
C7 52M E . -8.02 20.38 5.99
C6 52M E . -7.51 19.28 6.68
O3 52M E . -7.43 19.30 7.89
C11 52M E . -7.36 18.01 1.77
C3 52M E . -6.86 16.92 2.48
C2 52M E . -6.44 15.77 1.78
C12 52M E . -7.45 17.96 0.37
C13 52M E . -7.03 16.81 -0.32
C1 52M E . -6.53 15.72 0.39
O1 52M E . -6.09 14.54 -0.26
O6 52M E . -9.51 25.21 0.48
S1 52M F . 24.27 1.16 8.74
C21 52M F . 23.06 0.18 9.35
N1 52M F . 22.31 -0.63 8.41
C17 52M F . 21.21 -1.56 8.73
C18 52M F . 20.84 -1.89 10.04
C19 52M F . 19.79 -2.79 10.27
C20 52M F . 19.38 -3.13 11.71
O4 52M F . 18.86 -2.25 12.45
O5 52M F . 19.57 -4.30 12.17
C16 52M F . 20.54 -2.14 7.65
C15 52M F . 19.49 -3.04 7.88
C14 52M F . 19.11 -3.36 9.18
C10 52M F . 18.03 -4.29 9.36
C9 52M F . 16.78 -3.72 9.60
C4 52M F . 15.67 -4.53 9.71
O2 52M F . 15.79 -5.92 9.56
C5 52M F . 14.40 -3.97 9.97
C8 52M F . 16.64 -2.32 9.75
C7 52M F . 15.39 -1.76 10.01
C6 52M F . 14.27 -2.59 10.10
O3 52M F . 13.18 -2.10 10.32
C11 52M F . 18.15 -5.69 9.21
C3 52M F . 17.03 -6.49 9.30
C2 52M F . 17.15 -7.89 9.17
C12 52M F . 19.41 -6.27 8.95
C13 52M F . 19.53 -7.66 8.81
C1 52M F . 18.40 -8.47 8.91
O1 52M F . 18.47 -9.87 8.77
O6 52M F . 22.82 0.19 10.79
#